data_3G0Q
#
_entry.id   3G0Q
#
_cell.length_a   37.700
_cell.length_b   85.900
_cell.length_c   142.100
_cell.angle_alpha   90.00
_cell.angle_beta   90.00
_cell.angle_gamma   90.00
#
_symmetry.space_group_name_H-M   'P 21 21 21'
#
loop_
_entity.id
_entity.type
_entity.pdbx_description
1 polymer 'A/G-specific adenine glycosylase'
2 polymer "5'-D(*AP*AP*GP*AP*CP*(8OG)P*GP*GP*GP*AP*C)-3'"
3 polymer "5'-D(*GP*TP*CP*CP*CP*AP*GP*TP*CP*TP*T)-3'"
4 non-polymer 'IRON/SULFUR CLUSTER'
5 non-polymer 'CALCIUM ION'
6 water water
#
loop_
_entity_poly.entity_id
_entity_poly.type
_entity_poly.pdbx_seq_one_letter_code
_entity_poly.pdbx_strand_id
1 'polypeptide(L)'
;PAREFQRDLLDWFARERRDLPWRKDRDPYKVWVSEVMLQQTRVETVIPYFEQFIDRFPTLEALADADEDEVLKAWEGLGY
YSRVRNLHAAVKEVKTRYGGKVPDDPDEFSRLKGVGPYTVGAVLSLAYGVPEPAVDGNVMRVLSRLFLVTDDIAKCSTRK
RFEQIVREIMAYENPGAFNEALIELGALVCTPRRPSCLLCPVQAYCQAFAEGVAEELPVKMKKTAVKQVPLAVAVLADDE
GRVLIRKRDSTGLLANLWEFPSCETDGADGKEKLEQMVGEQYGLQVELTEPIVSFEHAFSHLVWQLTVFPGRLVHGGPVE
EPYRLAPEDELKAYAFPVSHQRVWREYKEWAS
;
A
2 'polydeoxyribonucleotide' (DA)(DA)(DG)(DA)(DC)(8OG)(DG)(DG)(DG)(DA)(DC) B
3 'polydeoxyribonucleotide' (DG)(DT)(DC)(DC)(DC)(A5L)(DG)(DT)(DC)(DT)(DT) C
#
loop_
_chem_comp.id
_chem_comp.type
_chem_comp.name
_chem_comp.formula
8OG DNA linking 8-OXO-2'-DEOXY-GUANOSINE-5'-MONOPHOSPHATE 'C10 H14 N5 O8 P'
A5L DNA linking 9-(2-deoxy-2-fluoro-5-O-phosphono-beta-D-arabinofuranosyl)-9H-purin-6-amine 'C10 H13 F N5 O6 P'
CA non-polymer 'CALCIUM ION' 'Ca 2'
DA DNA linking 2'-DEOXYADENOSINE-5'-MONOPHOSPHATE 'C10 H14 N5 O6 P'
DC DNA linking 2'-DEOXYCYTIDINE-5'-MONOPHOSPHATE 'C9 H14 N3 O7 P'
DG DNA linking 2'-DEOXYGUANOSINE-5'-MONOPHOSPHATE 'C10 H14 N5 O7 P'
DT DNA linking THYMIDINE-5'-MONOPHOSPHATE 'C10 H15 N2 O8 P'
SF4 non-polymer 'IRON/SULFUR CLUSTER' 'Fe4 S4'
#
# COMPACT_ATOMS: atom_id res chain seq x y z
N PRO A 1 29.41 18.22 9.86
CA PRO A 1 28.92 18.49 11.24
C PRO A 1 28.06 17.30 11.64
N ALA A 2 28.35 16.17 10.99
CA ALA A 2 27.64 14.91 11.19
C ALA A 2 27.35 14.50 12.63
N ARG A 3 28.39 14.35 13.44
CA ARG A 3 28.23 13.94 14.84
C ARG A 3 27.31 14.83 15.66
N GLU A 4 27.51 16.14 15.59
CA GLU A 4 26.69 17.08 16.33
C GLU A 4 25.25 17.05 15.80
N PHE A 5 25.11 16.96 14.48
CA PHE A 5 23.78 16.91 13.86
C PHE A 5 23.05 15.67 14.36
N GLN A 6 23.78 14.58 14.53
CA GLN A 6 23.21 13.34 15.01
C GLN A 6 22.67 13.50 16.42
N ARG A 7 23.45 14.13 17.28
CA ARG A 7 23.05 14.33 18.67
C ARG A 7 21.75 15.10 18.78
N ASP A 8 21.60 16.17 18.00
CA ASP A 8 20.38 16.96 18.05
C ASP A 8 19.18 16.16 17.53
N LEU A 9 19.37 15.51 16.38
CA LEU A 9 18.31 14.71 15.76
C LEU A 9 17.81 13.68 16.75
N LEU A 10 18.73 12.83 17.21
CA LEU A 10 18.41 11.76 18.17
C LEU A 10 17.84 12.27 19.49
N ASP A 11 18.29 13.42 19.95
CA ASP A 11 17.77 13.93 21.21
C ASP A 11 16.31 14.29 21.03
N TRP A 12 16.03 15.01 19.94
CA TRP A 12 14.67 15.42 19.61
C TRP A 12 13.78 14.16 19.52
N PHE A 13 14.24 13.16 18.77
CA PHE A 13 13.48 11.92 18.58
C PHE A 13 13.04 11.24 19.85
N ALA A 14 13.93 11.15 20.84
CA ALA A 14 13.63 10.50 22.10
C ALA A 14 12.45 11.16 22.81
N ARG A 15 12.37 12.47 22.70
CA ARG A 15 11.30 13.24 23.34
C ARG A 15 10.01 13.28 22.54
N GLU A 16 10.15 13.46 21.23
CA GLU A 16 8.98 13.61 20.38
C GLU A 16 8.40 12.39 19.65
N ARG A 17 9.12 11.27 19.64
CA ARG A 17 8.64 10.09 18.93
C ARG A 17 7.28 9.54 19.36
N ARG A 18 6.44 9.27 18.36
CA ARG A 18 5.10 8.74 18.56
C ARG A 18 5.11 7.30 18.98
N ASP A 19 4.22 6.93 19.89
CA ASP A 19 4.12 5.55 20.31
C ASP A 19 3.15 4.84 19.40
N LEU A 20 3.66 4.37 18.27
CA LEU A 20 2.86 3.67 17.28
C LEU A 20 2.93 2.18 17.57
N PRO A 21 1.92 1.41 17.11
CA PRO A 21 1.84 -0.03 17.31
C PRO A 21 3.12 -0.81 17.00
N TRP A 22 3.67 -0.59 15.81
CA TRP A 22 4.86 -1.32 15.40
C TRP A 22 6.14 -0.85 16.08
N ARG A 23 6.02 0.07 17.02
CA ARG A 23 7.19 0.54 17.76
C ARG A 23 7.20 -0.04 19.17
N LYS A 24 6.35 -1.02 19.44
CA LYS A 24 6.33 -1.66 20.76
C LYS A 24 7.62 -2.47 20.88
N ASP A 25 7.96 -3.18 19.82
CA ASP A 25 9.19 -3.97 19.81
C ASP A 25 9.95 -3.83 18.48
N ARG A 26 10.99 -4.64 18.30
CA ARG A 26 11.79 -4.60 17.09
C ARG A 26 11.80 -5.95 16.38
N ASP A 27 10.71 -6.68 16.55
CA ASP A 27 10.56 -7.98 15.91
C ASP A 27 10.63 -7.78 14.39
N PRO A 28 11.57 -8.48 13.73
CA PRO A 28 11.77 -8.39 12.27
C PRO A 28 10.46 -8.50 11.50
N TYR A 29 9.66 -9.48 11.85
CA TYR A 29 8.37 -9.72 11.22
C TYR A 29 7.41 -8.53 11.36
N LYS A 30 7.26 -8.05 12.58
CA LYS A 30 6.35 -6.94 12.83
C LYS A 30 6.81 -5.66 12.15
N VAL A 31 8.12 -5.42 12.13
CA VAL A 31 8.66 -4.24 11.49
C VAL A 31 8.43 -4.28 9.98
N TRP A 32 8.74 -5.44 9.40
CA TRP A 32 8.59 -5.69 7.97
C TRP A 32 7.13 -5.49 7.54
N VAL A 33 6.19 -6.08 8.27
CA VAL A 33 4.79 -5.92 7.92
C VAL A 33 4.40 -4.44 7.93
N SER A 34 4.76 -3.75 9.00
CA SER A 34 4.44 -2.33 9.08
C SER A 34 5.08 -1.53 7.95
N GLU A 35 6.35 -1.79 7.64
CA GLU A 35 7.02 -1.05 6.56
C GLU A 35 6.36 -1.24 5.21
N VAL A 36 5.84 -2.44 4.94
CA VAL A 36 5.16 -2.70 3.67
C VAL A 36 3.80 -1.97 3.67
N MET A 37 3.12 -1.97 4.80
CA MET A 37 1.84 -1.27 4.91
C MET A 37 2.00 0.22 4.75
N LEU A 38 3.09 0.76 5.28
CA LEU A 38 3.31 2.21 5.19
C LEU A 38 3.69 2.71 3.81
N GLN A 39 3.99 1.81 2.88
CA GLN A 39 4.34 2.22 1.53
C GLN A 39 3.18 2.95 0.85
N GLN A 40 3.35 4.25 0.63
CA GLN A 40 2.37 5.13 -0.02
C GLN A 40 1.03 5.15 0.70
N THR A 41 1.07 4.96 2.02
CA THR A 41 -0.13 4.96 2.83
C THR A 41 0.18 5.65 4.15
N ARG A 42 -0.72 6.51 4.60
CA ARG A 42 -0.53 7.26 5.84
C ARG A 42 -0.59 6.42 7.10
N VAL A 43 0.20 6.82 8.09
CA VAL A 43 0.22 6.15 9.38
C VAL A 43 -1.21 5.99 9.93
N GLU A 44 -2.02 7.05 9.90
CA GLU A 44 -3.39 7.00 10.43
C GLU A 44 -4.22 5.90 9.77
N THR A 45 -3.98 5.70 8.49
CA THR A 45 -4.71 4.67 7.74
C THR A 45 -4.20 3.27 8.10
N VAL A 46 -2.90 3.14 8.29
CA VAL A 46 -2.28 1.85 8.60
C VAL A 46 -2.61 1.25 9.97
N ILE A 47 -2.57 2.08 11.00
CA ILE A 47 -2.83 1.63 12.37
C ILE A 47 -3.90 0.55 12.55
N PRO A 48 -5.13 0.79 12.09
CA PRO A 48 -6.20 -0.22 12.22
C PRO A 48 -5.83 -1.52 11.48
N TYR A 49 -5.32 -1.39 10.27
CA TYR A 49 -4.94 -2.56 9.49
C TYR A 49 -3.81 -3.35 10.16
N PHE A 50 -2.81 -2.68 10.68
CA PHE A 50 -1.70 -3.38 11.31
C PHE A 50 -2.17 -4.19 12.52
N GLU A 51 -3.07 -3.60 13.32
CA GLU A 51 -3.61 -4.24 14.51
C GLU A 51 -4.37 -5.51 14.17
N GLN A 52 -5.28 -5.39 13.20
CA GLN A 52 -6.09 -6.51 12.76
C GLN A 52 -5.20 -7.61 12.16
N PHE A 53 -4.32 -7.19 11.26
CA PHE A 53 -3.39 -8.09 10.57
C PHE A 53 -2.51 -8.90 11.51
N ILE A 54 -1.87 -8.23 12.47
CA ILE A 54 -1.02 -8.91 13.42
C ILE A 54 -1.79 -9.90 14.30
N ASP A 55 -3.02 -9.53 14.66
CA ASP A 55 -3.87 -10.41 15.47
C ASP A 55 -4.19 -11.67 14.68
N ARG A 56 -4.49 -11.49 13.40
CA ARG A 56 -4.83 -12.59 12.49
C ARG A 56 -3.61 -13.41 12.03
N PHE A 57 -2.43 -12.79 12.01
CA PHE A 57 -1.19 -13.44 11.59
C PHE A 57 -0.10 -12.96 12.53
N PRO A 58 -0.09 -13.47 13.77
CA PRO A 58 0.88 -13.09 14.79
C PRO A 58 2.36 -13.36 14.53
N THR A 59 2.66 -14.33 13.69
CA THR A 59 4.06 -14.64 13.40
C THR A 59 4.25 -14.78 11.90
N LEU A 60 5.52 -14.83 11.48
CA LEU A 60 5.85 -14.99 10.07
C LEU A 60 5.35 -16.35 9.56
N GLU A 61 5.43 -17.37 10.41
CA GLU A 61 4.97 -18.70 10.04
C GLU A 61 3.45 -18.70 9.86
N ALA A 62 2.75 -18.09 10.80
CA ALA A 62 1.30 -18.03 10.72
C ALA A 62 0.87 -17.39 9.41
N LEU A 63 1.56 -16.31 9.02
CA LEU A 63 1.24 -15.64 7.75
C LEU A 63 1.57 -16.54 6.57
N ALA A 64 2.71 -17.22 6.63
CA ALA A 64 3.14 -18.11 5.56
C ALA A 64 2.12 -19.22 5.26
N ASP A 65 1.58 -19.82 6.32
CA ASP A 65 0.60 -20.92 6.19
C ASP A 65 -0.83 -20.49 5.84
N ALA A 66 -1.08 -19.18 5.80
CA ALA A 66 -2.43 -18.71 5.50
C ALA A 66 -2.72 -18.80 4.01
N ASP A 67 -3.98 -19.03 3.66
CA ASP A 67 -4.38 -19.10 2.25
C ASP A 67 -4.29 -17.67 1.72
N GLU A 68 -3.81 -17.50 0.49
CA GLU A 68 -3.69 -16.16 -0.05
C GLU A 68 -5.01 -15.38 0.03
N ASP A 69 -6.12 -16.09 -0.11
CA ASP A 69 -7.43 -15.44 -0.05
C ASP A 69 -7.66 -14.72 1.28
N GLU A 70 -7.25 -15.33 2.39
CA GLU A 70 -7.43 -14.71 3.70
C GLU A 70 -6.47 -13.53 3.86
N VAL A 71 -5.30 -13.64 3.26
CA VAL A 71 -4.31 -12.59 3.35
C VAL A 71 -4.77 -11.34 2.59
N LEU A 72 -5.37 -11.52 1.42
CA LEU A 72 -5.85 -10.38 0.66
C LEU A 72 -7.03 -9.73 1.37
N LYS A 73 -7.90 -10.54 1.97
CA LYS A 73 -9.05 -10.02 2.68
C LYS A 73 -8.60 -9.11 3.82
N ALA A 74 -7.49 -9.49 4.46
CA ALA A 74 -6.96 -8.71 5.56
C ALA A 74 -6.38 -7.38 5.07
N TRP A 75 -6.12 -7.31 3.76
CA TRP A 75 -5.54 -6.13 3.14
C TRP A 75 -6.61 -5.34 2.38
N GLU A 76 -7.83 -5.86 2.36
CA GLU A 76 -8.93 -5.20 1.66
C GLU A 76 -9.12 -3.74 2.10
N GLY A 77 -9.00 -2.81 1.17
CA GLY A 77 -9.16 -1.42 1.51
C GLY A 77 -7.88 -0.61 1.63
N LEU A 78 -6.72 -1.27 1.65
CA LEU A 78 -5.44 -0.58 1.77
C LEU A 78 -4.85 -0.05 0.46
N GLY A 79 -5.16 -0.70 -0.65
CA GLY A 79 -4.62 -0.25 -1.93
C GLY A 79 -3.30 -0.92 -2.28
N TYR A 80 -2.85 -0.76 -3.52
CA TYR A 80 -1.61 -1.38 -4.00
C TYR A 80 -1.47 -2.79 -3.45
N TYR A 81 -2.43 -3.64 -3.82
CA TYR A 81 -2.50 -5.01 -3.36
C TYR A 81 -1.35 -5.96 -3.66
N SER A 82 -0.51 -5.62 -4.63
CA SER A 82 0.63 -6.48 -4.96
C SER A 82 1.60 -6.50 -3.79
N ARG A 83 1.53 -5.48 -2.96
CA ARG A 83 2.41 -5.39 -1.79
C ARG A 83 2.21 -6.63 -0.91
N VAL A 84 0.96 -7.03 -0.72
CA VAL A 84 0.70 -8.17 0.14
C VAL A 84 0.93 -9.50 -0.58
N ARG A 85 0.77 -9.51 -1.90
CA ARG A 85 1.03 -10.74 -2.65
C ARG A 85 2.54 -11.02 -2.51
N ASN A 86 3.35 -9.98 -2.70
CA ASN A 86 4.79 -10.09 -2.58
C ASN A 86 5.23 -10.39 -1.14
N LEU A 87 4.56 -9.79 -0.15
CA LEU A 87 4.93 -10.04 1.24
C LEU A 87 4.62 -11.48 1.60
N HIS A 88 3.51 -12.00 1.08
CA HIS A 88 3.12 -13.38 1.36
C HIS A 88 4.17 -14.31 0.76
N ALA A 89 4.47 -14.13 -0.52
CA ALA A 89 5.47 -14.94 -1.20
C ALA A 89 6.80 -14.86 -0.48
N ALA A 90 7.20 -13.64 -0.13
CA ALA A 90 8.47 -13.45 0.55
C ALA A 90 8.51 -14.13 1.92
N VAL A 91 7.40 -14.09 2.65
CA VAL A 91 7.33 -14.71 3.96
C VAL A 91 7.39 -16.24 3.86
N LYS A 92 6.79 -16.79 2.81
CA LYS A 92 6.81 -18.23 2.57
C LYS A 92 8.24 -18.64 2.22
N GLU A 93 8.94 -17.75 1.54
CA GLU A 93 10.33 -17.95 1.14
C GLU A 93 11.24 -18.01 2.36
N VAL A 94 11.04 -17.11 3.32
CA VAL A 94 11.86 -17.08 4.53
C VAL A 94 11.65 -18.29 5.43
N LYS A 95 10.45 -18.84 5.42
CA LYS A 95 10.15 -19.99 6.25
C LYS A 95 10.87 -21.24 5.73
N THR A 96 10.63 -21.58 4.47
CA THR A 96 11.24 -22.75 3.87
C THR A 96 12.73 -22.60 3.58
N ARG A 97 13.12 -21.47 3.02
CA ARG A 97 14.52 -21.25 2.66
C ARG A 97 15.44 -20.75 3.77
N TYR A 98 14.93 -19.92 4.67
CA TYR A 98 15.78 -19.39 5.74
C TYR A 98 15.38 -19.80 7.16
N GLY A 99 14.66 -20.92 7.26
CA GLY A 99 14.26 -21.41 8.57
C GLY A 99 13.47 -20.44 9.43
N GLY A 100 12.55 -19.69 8.84
CA GLY A 100 11.74 -18.75 9.60
C GLY A 100 12.45 -17.54 10.18
N LYS A 101 13.69 -17.33 9.79
CA LYS A 101 14.43 -16.18 10.28
C LYS A 101 14.57 -15.14 9.17
N VAL A 102 14.22 -13.89 9.48
CA VAL A 102 14.34 -12.83 8.50
C VAL A 102 15.83 -12.55 8.30
N PRO A 103 16.36 -12.85 7.10
CA PRO A 103 17.77 -12.64 6.78
C PRO A 103 18.28 -11.29 7.28
N ASP A 104 19.46 -11.26 7.87
CA ASP A 104 20.00 -10.00 8.36
C ASP A 104 21.02 -9.37 7.40
N ASP A 105 21.25 -10.05 6.26
CA ASP A 105 22.17 -9.53 5.26
C ASP A 105 21.40 -8.80 4.16
N PRO A 106 21.81 -7.57 3.85
CA PRO A 106 21.19 -6.75 2.81
C PRO A 106 21.02 -7.42 1.45
N ASP A 107 22.03 -8.19 1.03
CA ASP A 107 21.96 -8.86 -0.26
C ASP A 107 20.91 -9.97 -0.22
N GLU A 108 20.86 -10.68 0.91
CA GLU A 108 19.89 -11.75 1.12
C GLU A 108 18.46 -11.18 1.22
N PHE A 109 18.25 -10.25 2.14
CA PHE A 109 16.92 -9.69 2.33
C PHE A 109 16.39 -8.99 1.08
N SER A 110 17.27 -8.32 0.36
CA SER A 110 16.85 -7.59 -0.83
C SER A 110 16.38 -8.47 -1.99
N ARG A 111 16.60 -9.77 -1.95
CA ARG A 111 16.17 -10.64 -3.03
C ARG A 111 14.71 -11.05 -2.89
N LEU A 112 14.17 -10.88 -1.69
CA LEU A 112 12.78 -11.24 -1.42
C LEU A 112 11.86 -10.26 -2.15
N LYS A 113 10.70 -10.73 -2.59
CA LYS A 113 9.77 -9.87 -3.33
C LYS A 113 9.16 -8.78 -2.48
N GLY A 114 9.05 -7.60 -3.07
CA GLY A 114 8.46 -6.47 -2.39
C GLY A 114 9.49 -5.69 -1.60
N VAL A 115 10.68 -6.25 -1.51
CA VAL A 115 11.72 -5.60 -0.75
C VAL A 115 12.64 -4.78 -1.63
N GLY A 116 12.44 -3.47 -1.63
CA GLY A 116 13.26 -2.58 -2.44
C GLY A 116 14.29 -1.89 -1.56
N PRO A 117 15.06 -0.94 -2.10
CA PRO A 117 16.06 -0.25 -1.30
C PRO A 117 15.57 0.38 0.00
N TYR A 118 14.33 0.85 0.03
CA TYR A 118 13.82 1.46 1.25
C TYR A 118 13.58 0.45 2.37
N THR A 119 12.88 -0.63 2.03
CA THR A 119 12.55 -1.66 3.01
C THR A 119 13.77 -2.41 3.55
N VAL A 120 14.78 -2.61 2.72
CA VAL A 120 16.00 -3.28 3.20
C VAL A 120 16.51 -2.45 4.37
N GLY A 121 16.69 -1.17 4.10
CA GLY A 121 17.16 -0.26 5.13
C GLY A 121 16.28 -0.15 6.36
N ALA A 122 14.98 0.11 6.15
CA ALA A 122 14.08 0.25 7.30
C ALA A 122 14.10 -0.99 8.18
N VAL A 123 13.78 -2.14 7.60
CA VAL A 123 13.73 -3.38 8.39
C VAL A 123 15.04 -3.85 9.02
N LEU A 124 16.14 -3.86 8.25
CA LEU A 124 17.40 -4.36 8.79
C LEU A 124 18.04 -3.41 9.79
N SER A 125 17.99 -2.11 9.52
CA SER A 125 18.55 -1.15 10.45
C SER A 125 17.77 -1.22 11.77
N LEU A 126 16.46 -1.07 11.69
CA LEU A 126 15.61 -1.10 12.88
C LEU A 126 15.65 -2.42 13.64
N ALA A 127 15.42 -3.53 12.95
CA ALA A 127 15.41 -4.84 13.59
C ALA A 127 16.77 -5.50 13.87
N TYR A 128 17.79 -5.22 13.05
CA TYR A 128 19.09 -5.85 13.25
C TYR A 128 20.29 -4.94 13.46
N GLY A 129 20.06 -3.63 13.41
CA GLY A 129 21.17 -2.70 13.59
C GLY A 129 22.08 -2.57 12.36
N VAL A 130 21.62 -3.02 11.20
CA VAL A 130 22.45 -2.92 10.00
C VAL A 130 22.45 -1.48 9.47
N PRO A 131 23.65 -0.93 9.23
CA PRO A 131 23.87 0.44 8.74
C PRO A 131 23.50 0.66 7.27
N GLU A 132 22.22 0.55 6.95
CA GLU A 132 21.76 0.78 5.58
C GLU A 132 20.80 1.96 5.61
N PRO A 133 20.84 2.82 4.58
CA PRO A 133 19.92 3.96 4.60
C PRO A 133 18.47 3.54 4.33
N ALA A 134 17.53 4.31 4.85
CA ALA A 134 16.11 4.03 4.66
C ALA A 134 15.47 5.34 4.22
N VAL A 135 15.58 5.59 2.91
CA VAL A 135 15.07 6.81 2.31
C VAL A 135 13.66 6.72 1.70
N ASP A 136 12.70 7.33 2.38
CA ASP A 136 11.32 7.36 1.90
C ASP A 136 11.03 8.81 1.48
N GLY A 137 9.77 9.12 1.17
CA GLY A 137 9.43 10.47 0.76
C GLY A 137 9.80 11.48 1.84
N ASN A 138 9.60 11.10 3.10
CA ASN A 138 9.90 11.97 4.24
C ASN A 138 11.37 12.36 4.27
N VAL A 139 12.25 11.36 4.17
CA VAL A 139 13.69 11.60 4.19
C VAL A 139 14.10 12.41 2.97
N MET A 140 13.55 12.09 1.81
CA MET A 140 13.91 12.85 0.62
C MET A 140 13.58 14.32 0.79
N ARG A 141 12.44 14.61 1.40
CA ARG A 141 12.06 15.99 1.62
C ARG A 141 13.02 16.62 2.61
N VAL A 142 13.31 15.89 3.69
CA VAL A 142 14.21 16.43 4.68
C VAL A 142 15.59 16.73 4.12
N LEU A 143 16.19 15.72 3.50
CA LEU A 143 17.53 15.89 2.95
C LEU A 143 17.54 16.94 1.86
N SER A 144 16.50 16.98 1.04
CA SER A 144 16.47 17.95 -0.03
C SER A 144 16.55 19.37 0.55
N ARG A 145 15.90 19.60 1.69
CA ARG A 145 15.91 20.91 2.31
C ARG A 145 17.21 21.19 3.06
N LEU A 146 17.70 20.22 3.81
CA LEU A 146 18.94 20.40 4.57
C LEU A 146 20.14 20.71 3.68
N PHE A 147 20.28 19.97 2.58
CA PHE A 147 21.41 20.15 1.69
C PHE A 147 21.07 20.93 0.43
N LEU A 148 19.91 21.56 0.43
CA LEU A 148 19.46 22.37 -0.70
C LEU A 148 19.63 21.61 -2.02
N VAL A 149 19.05 20.42 -2.12
CA VAL A 149 19.12 19.65 -3.34
C VAL A 149 17.91 19.99 -4.20
N THR A 150 18.16 20.47 -5.41
CA THR A 150 17.08 20.82 -6.30
C THR A 150 16.82 19.81 -7.41
N ASP A 151 17.53 18.69 -7.38
CA ASP A 151 17.30 17.67 -8.40
C ASP A 151 15.87 17.13 -8.25
N ASP A 152 15.20 16.86 -9.36
CA ASP A 152 13.83 16.32 -9.33
C ASP A 152 13.87 15.01 -8.55
N ILE A 153 13.13 14.92 -7.45
CA ILE A 153 13.15 13.69 -6.66
C ILE A 153 12.31 12.61 -7.32
N ALA A 154 11.75 12.92 -8.48
CA ALA A 154 10.95 11.94 -9.21
C ALA A 154 11.87 11.20 -10.19
N LYS A 155 13.11 11.67 -10.29
CA LYS A 155 14.11 11.06 -11.15
C LYS A 155 14.64 9.83 -10.41
N CYS A 156 14.63 8.69 -11.09
CA CYS A 156 15.08 7.44 -10.51
C CYS A 156 16.41 7.55 -9.78
N SER A 157 17.35 8.31 -10.36
CA SER A 157 18.69 8.47 -9.78
C SER A 157 18.82 9.42 -8.59
N THR A 158 17.83 10.28 -8.40
CA THR A 158 17.89 11.23 -7.29
C THR A 158 17.91 10.50 -5.94
N ARG A 159 17.25 9.35 -5.87
CA ARG A 159 17.23 8.58 -4.62
C ARG A 159 18.63 8.09 -4.26
N LYS A 160 19.41 7.70 -5.27
CA LYS A 160 20.79 7.23 -5.05
C LYS A 160 21.61 8.35 -4.42
N ARG A 161 21.39 9.58 -4.89
CA ARG A 161 22.12 10.71 -4.34
C ARG A 161 21.82 10.78 -2.84
N PHE A 162 20.53 10.72 -2.52
CA PHE A 162 20.11 10.78 -1.11
C PHE A 162 20.66 9.62 -0.28
N GLU A 163 20.74 8.43 -0.86
CA GLU A 163 21.25 7.29 -0.13
C GLU A 163 22.72 7.48 0.22
N GLN A 164 23.48 8.08 -0.69
CA GLN A 164 24.90 8.33 -0.44
C GLN A 164 25.05 9.36 0.67
N ILE A 165 24.20 10.40 0.65
CA ILE A 165 24.25 11.42 1.68
C ILE A 165 24.02 10.80 3.06
N VAL A 166 23.08 9.85 3.15
CA VAL A 166 22.77 9.22 4.42
C VAL A 166 23.93 8.35 4.90
N ARG A 167 24.59 7.67 3.98
CA ARG A 167 25.72 6.81 4.35
C ARG A 167 26.84 7.63 4.97
N GLU A 168 26.95 8.91 4.58
CA GLU A 168 27.99 9.79 5.10
C GLU A 168 27.69 10.46 6.44
N ILE A 169 26.42 10.70 6.75
CA ILE A 169 26.09 11.37 8.00
C ILE A 169 25.34 10.55 9.04
N MET A 170 25.09 9.27 8.76
CA MET A 170 24.34 8.48 9.72
C MET A 170 25.15 7.98 10.91
N ALA A 171 24.47 7.84 12.04
CA ALA A 171 25.09 7.36 13.28
C ALA A 171 25.29 5.86 13.18
N TYR A 172 26.46 5.46 12.71
CA TYR A 172 26.79 4.05 12.54
C TYR A 172 26.75 3.23 13.83
N GLU A 173 26.55 3.89 14.96
CA GLU A 173 26.48 3.20 16.25
C GLU A 173 25.03 2.83 16.59
N ASN A 174 24.10 3.59 16.02
CA ASN A 174 22.67 3.37 16.23
C ASN A 174 21.94 3.76 14.94
N PRO A 175 22.10 2.95 13.89
CA PRO A 175 21.47 3.21 12.60
C PRO A 175 19.94 3.17 12.64
N GLY A 176 19.40 2.20 13.37
CA GLY A 176 17.96 2.08 13.48
C GLY A 176 17.30 3.34 13.99
N ALA A 177 17.80 3.85 15.11
CA ALA A 177 17.23 5.05 15.72
C ALA A 177 17.47 6.23 14.81
N PHE A 178 18.65 6.27 14.21
CA PHE A 178 18.99 7.36 13.30
C PHE A 178 18.03 7.46 12.13
N ASN A 179 17.81 6.33 11.46
CA ASN A 179 16.91 6.28 10.31
C ASN A 179 15.50 6.69 10.70
N GLU A 180 14.99 6.07 11.76
CA GLU A 180 13.64 6.38 12.24
C GLU A 180 13.49 7.88 12.58
N ALA A 181 14.51 8.46 13.23
CA ALA A 181 14.48 9.88 13.61
C ALA A 181 14.37 10.78 12.39
N LEU A 182 15.06 10.41 11.32
CA LEU A 182 15.04 11.19 10.09
C LEU A 182 13.62 11.15 9.51
N ILE A 183 13.01 9.97 9.49
CA ILE A 183 11.65 9.83 8.97
C ILE A 183 10.66 10.60 9.83
N GLU A 184 10.76 10.44 11.16
CA GLU A 184 9.87 11.15 12.09
C GLU A 184 9.97 12.64 11.90
N LEU A 185 11.20 13.15 11.75
CA LEU A 185 11.39 14.59 11.55
C LEU A 185 10.56 15.03 10.35
N GLY A 186 10.62 14.25 9.28
CA GLY A 186 9.84 14.61 8.11
C GLY A 186 8.33 14.49 8.35
N ALA A 187 7.93 13.54 9.18
CA ALA A 187 6.49 13.37 9.43
C ALA A 187 5.90 14.43 10.34
N LEU A 188 6.67 14.90 11.32
CA LEU A 188 6.14 15.86 12.29
C LEU A 188 6.60 17.31 12.20
N VAL A 189 7.84 17.54 11.80
CA VAL A 189 8.34 18.90 11.74
C VAL A 189 8.56 19.43 10.32
N CYS A 190 9.42 18.74 9.58
CA CYS A 190 9.76 19.13 8.21
C CYS A 190 8.72 18.57 7.24
N THR A 191 7.50 19.11 7.35
CA THR A 191 6.34 18.69 6.58
C THR A 191 6.26 19.22 5.17
N PRO A 192 5.46 18.58 4.31
CA PRO A 192 5.31 19.02 2.92
C PRO A 192 5.01 20.51 2.87
N ARG A 193 3.99 20.91 3.61
CA ARG A 193 3.59 22.32 3.65
C ARG A 193 3.94 22.95 4.99
N ARG A 194 4.26 24.23 4.94
CA ARG A 194 4.61 25.01 6.11
C ARG A 194 5.38 24.22 7.17
N PRO A 195 6.62 23.83 6.87
CA PRO A 195 7.36 23.08 7.88
C PRO A 195 7.56 23.98 9.09
N SER A 196 7.82 23.40 10.24
CA SER A 196 8.01 24.16 11.47
C SER A 196 9.48 24.42 11.75
N CYS A 197 10.12 25.11 10.82
CA CYS A 197 11.54 25.43 10.91
C CYS A 197 11.93 26.14 12.23
N LEU A 198 11.07 27.01 12.75
CA LEU A 198 11.39 27.71 14.00
C LEU A 198 11.50 26.74 15.19
N LEU A 199 10.85 25.59 15.07
CA LEU A 199 10.89 24.60 16.14
C LEU A 199 11.70 23.36 15.75
N CYS A 200 12.35 23.43 14.59
CA CYS A 200 13.13 22.28 14.12
C CYS A 200 14.42 22.11 14.90
N PRO A 201 14.71 20.87 15.34
CA PRO A 201 15.92 20.57 16.11
C PRO A 201 17.20 20.55 15.28
N VAL A 202 17.09 20.74 13.97
CA VAL A 202 18.30 20.75 13.15
C VAL A 202 18.30 21.94 12.22
N GLN A 203 17.57 22.97 12.64
CA GLN A 203 17.46 24.22 11.90
C GLN A 203 18.83 24.82 11.60
N ALA A 204 19.70 24.79 12.61
CA ALA A 204 21.03 25.36 12.48
C ALA A 204 21.79 24.78 11.29
N TYR A 205 21.58 23.50 11.02
CA TYR A 205 22.27 22.82 9.94
C TYR A 205 21.56 22.92 8.60
N CYS A 206 20.39 23.55 8.56
CA CYS A 206 19.63 23.61 7.32
C CYS A 206 19.89 24.72 6.31
N GLN A 207 20.39 24.33 5.14
CA GLN A 207 20.69 25.28 4.09
C GLN A 207 19.42 25.90 3.51
N ALA A 208 18.36 25.11 3.44
CA ALA A 208 17.11 25.64 2.89
C ALA A 208 16.54 26.74 3.78
N PHE A 209 16.65 26.57 5.10
CA PHE A 209 16.14 27.59 6.01
C PHE A 209 16.97 28.86 5.90
N ALA A 210 18.30 28.70 5.93
CA ALA A 210 19.22 29.82 5.83
C ALA A 210 19.01 30.59 4.54
N GLU A 211 18.59 29.90 3.49
CA GLU A 211 18.37 30.54 2.20
C GLU A 211 16.91 30.92 2.00
N GLY A 212 16.06 30.59 2.97
CA GLY A 212 14.64 30.93 2.88
C GLY A 212 13.83 30.29 1.77
N VAL A 213 14.12 29.03 1.44
CA VAL A 213 13.37 28.34 0.40
C VAL A 213 12.76 27.00 0.84
N ALA A 214 12.73 26.78 2.16
CA ALA A 214 12.19 25.55 2.73
C ALA A 214 10.88 25.13 2.09
N GLU A 215 9.97 26.08 1.93
CA GLU A 215 8.65 25.80 1.34
C GLU A 215 8.63 25.49 -0.16
N GLU A 216 9.69 25.82 -0.89
CA GLU A 216 9.70 25.54 -2.32
C GLU A 216 10.35 24.18 -2.62
N LEU A 217 10.83 23.53 -1.58
CA LEU A 217 11.49 22.23 -1.71
C LEU A 217 10.66 21.12 -1.07
N PRO A 218 10.82 19.87 -1.56
CA PRO A 218 11.70 19.43 -2.65
C PRO A 218 11.12 19.71 -4.03
N VAL A 219 11.99 19.77 -5.04
CA VAL A 219 11.52 20.00 -6.40
C VAL A 219 10.96 18.65 -6.87
N LYS A 220 9.81 18.69 -7.55
CA LYS A 220 9.19 17.44 -8.02
C LYS A 220 8.30 17.65 -9.25
N MET A 221 8.60 16.91 -10.32
CA MET A 221 7.81 17.00 -11.55
C MET A 221 6.36 16.59 -11.27
N VAL A 226 -4.78 11.89 -15.57
CA VAL A 226 -4.74 10.48 -15.94
C VAL A 226 -5.86 10.15 -16.93
N LYS A 227 -5.71 9.04 -17.63
CA LYS A 227 -6.69 8.62 -18.62
C LYS A 227 -8.01 8.17 -17.99
N GLN A 228 -9.11 8.50 -18.64
CA GLN A 228 -10.45 8.14 -18.17
C GLN A 228 -10.78 6.76 -18.75
N VAL A 229 -11.63 6.02 -18.05
CA VAL A 229 -12.01 4.69 -18.52
C VAL A 229 -13.42 4.31 -18.07
N PRO A 230 -14.36 4.21 -19.03
CA PRO A 230 -15.74 3.84 -18.71
C PRO A 230 -15.81 2.33 -18.49
N LEU A 231 -16.66 1.90 -17.56
CA LEU A 231 -16.78 0.48 -17.25
C LEU A 231 -18.21 0.12 -16.84
N ALA A 232 -18.73 -0.98 -17.38
CA ALA A 232 -20.08 -1.43 -17.05
C ALA A 232 -20.01 -2.63 -16.11
N VAL A 233 -20.67 -2.52 -14.96
CA VAL A 233 -20.66 -3.60 -13.98
C VAL A 233 -22.00 -4.32 -13.93
N ALA A 234 -21.95 -5.63 -13.71
CA ALA A 234 -23.15 -6.44 -13.66
C ALA A 234 -23.32 -7.15 -12.32
N VAL A 235 -24.46 -6.92 -11.68
CA VAL A 235 -24.78 -7.54 -10.39
C VAL A 235 -25.94 -8.52 -10.58
N LEU A 236 -25.63 -9.76 -10.94
CA LEU A 236 -26.63 -10.80 -11.17
C LEU A 236 -27.04 -11.52 -9.89
N ALA A 237 -28.32 -11.37 -9.53
CA ALA A 237 -28.86 -11.99 -8.32
C ALA A 237 -29.69 -13.24 -8.61
N ASP A 238 -29.31 -14.33 -7.97
CA ASP A 238 -30.00 -15.61 -8.14
C ASP A 238 -31.27 -15.56 -7.29
N ASP A 239 -32.39 -16.00 -7.86
CA ASP A 239 -33.65 -16.00 -7.12
C ASP A 239 -33.49 -16.66 -5.75
N GLU A 240 -32.45 -17.50 -5.63
CA GLU A 240 -32.17 -18.20 -4.38
C GLU A 240 -31.50 -17.28 -3.35
N GLY A 241 -31.11 -16.09 -3.80
CA GLY A 241 -30.47 -15.13 -2.92
C GLY A 241 -28.95 -15.18 -3.00
N ARG A 242 -28.44 -15.78 -4.07
CA ARG A 242 -27.00 -15.87 -4.27
C ARG A 242 -26.58 -14.98 -5.42
N VAL A 243 -25.33 -14.52 -5.39
CA VAL A 243 -24.81 -13.62 -6.43
C VAL A 243 -23.59 -14.18 -7.17
N LEU A 244 -23.37 -13.66 -8.37
CA LEU A 244 -22.25 -14.09 -9.21
C LEU A 244 -21.07 -13.14 -9.10
N ILE A 245 -19.90 -13.69 -8.82
CA ILE A 245 -18.67 -12.93 -8.69
C ILE A 245 -17.51 -13.69 -9.34
N ARG A 246 -16.52 -12.98 -9.86
CA ARG A 246 -15.37 -13.61 -10.49
C ARG A 246 -14.07 -13.13 -9.87
N LYS A 247 -13.05 -13.98 -9.91
CA LYS A 247 -11.75 -13.63 -9.38
C LYS A 247 -11.00 -12.96 -10.53
N ARG A 248 -10.22 -11.93 -10.23
CA ARG A 248 -9.48 -11.21 -11.27
C ARG A 248 -8.15 -11.82 -11.68
N ASP A 249 -7.68 -11.43 -12.86
CA ASP A 249 -6.42 -11.90 -13.41
C ASP A 249 -5.30 -11.75 -12.37
N SER A 250 -4.42 -12.73 -12.32
CA SER A 250 -3.30 -12.75 -11.37
C SER A 250 -2.24 -11.68 -11.63
N THR A 251 -2.35 -10.98 -12.75
CA THR A 251 -1.36 -9.97 -13.08
C THR A 251 -1.97 -8.71 -13.68
N GLY A 252 -1.72 -7.58 -13.03
CA GLY A 252 -2.25 -6.31 -13.51
C GLY A 252 -3.06 -5.57 -12.46
N LEU A 253 -4.03 -4.79 -12.93
CA LEU A 253 -4.89 -4.00 -12.06
C LEU A 253 -5.67 -4.88 -11.07
N LEU A 254 -5.71 -4.44 -9.81
CA LEU A 254 -6.43 -5.15 -8.74
C LEU A 254 -6.31 -6.69 -8.85
N ALA A 255 -5.10 -7.16 -9.13
CA ALA A 255 -4.83 -8.59 -9.30
C ALA A 255 -5.24 -9.52 -8.15
N ASN A 256 -5.93 -10.60 -8.51
CA ASN A 256 -6.41 -11.62 -7.59
C ASN A 256 -7.53 -11.20 -6.66
N LEU A 257 -8.10 -10.04 -6.91
CA LEU A 257 -9.22 -9.56 -6.10
C LEU A 257 -10.52 -10.04 -6.74
N TRP A 258 -11.59 -10.04 -5.96
CA TRP A 258 -12.88 -10.46 -6.50
C TRP A 258 -13.61 -9.23 -6.97
N GLU A 259 -14.57 -9.42 -7.87
CA GLU A 259 -15.34 -8.29 -8.39
C GLU A 259 -16.61 -8.80 -9.04
N PHE A 260 -17.49 -7.87 -9.40
CA PHE A 260 -18.73 -8.21 -10.08
C PHE A 260 -18.41 -8.15 -11.57
N PRO A 261 -18.85 -9.16 -12.33
CA PRO A 261 -18.60 -9.20 -13.78
C PRO A 261 -18.72 -7.81 -14.37
N SER A 262 -17.77 -7.41 -15.19
CA SER A 262 -17.79 -6.08 -15.80
C SER A 262 -16.92 -6.03 -17.05
N CYS A 263 -17.06 -4.96 -17.82
CA CYS A 263 -16.28 -4.82 -19.06
C CYS A 263 -16.01 -3.35 -19.38
N GLU A 264 -14.89 -3.09 -20.02
CA GLU A 264 -14.53 -1.73 -20.40
C GLU A 264 -15.38 -1.28 -21.59
N THR A 265 -16.56 -0.75 -21.31
CA THR A 265 -17.49 -0.29 -22.34
C THR A 265 -16.79 0.43 -23.47
N ASP A 266 -15.73 1.14 -23.14
CA ASP A 266 -14.94 1.89 -24.13
C ASP A 266 -15.85 2.68 -25.06
N GLY A 267 -16.87 3.30 -24.48
CA GLY A 267 -17.81 4.08 -25.27
C GLY A 267 -19.13 4.28 -24.56
N ALA A 268 -20.19 3.68 -25.10
CA ALA A 268 -21.52 3.79 -24.52
C ALA A 268 -22.49 2.74 -25.05
N ASP A 269 -22.11 1.46 -24.92
CA ASP A 269 -22.96 0.37 -25.38
C ASP A 269 -23.82 -0.13 -24.22
N GLY A 270 -23.22 -0.20 -23.05
CA GLY A 270 -23.93 -0.65 -21.86
C GLY A 270 -24.25 -2.14 -21.87
N LYS A 271 -25.52 -2.46 -21.62
CA LYS A 271 -25.97 -3.84 -21.60
C LYS A 271 -25.89 -4.48 -22.97
N GLU A 272 -24.67 -4.67 -23.46
CA GLU A 272 -24.44 -5.27 -24.77
C GLU A 272 -23.15 -6.08 -24.76
N LYS A 273 -22.02 -5.38 -24.66
CA LYS A 273 -20.72 -6.03 -24.62
C LYS A 273 -20.64 -6.93 -23.39
N LEU A 274 -21.53 -6.69 -22.44
CA LEU A 274 -21.58 -7.48 -21.20
C LEU A 274 -22.22 -8.84 -21.42
N GLU A 275 -23.46 -8.82 -21.90
CA GLU A 275 -24.21 -10.06 -22.16
C GLU A 275 -23.36 -11.05 -22.94
N GLN A 276 -22.69 -10.55 -23.98
CA GLN A 276 -21.83 -11.37 -24.82
C GLN A 276 -20.87 -12.18 -23.95
N MET A 277 -20.31 -11.52 -22.94
CA MET A 277 -19.36 -12.16 -22.03
C MET A 277 -19.99 -13.37 -21.36
N VAL A 278 -19.75 -14.55 -21.92
CA VAL A 278 -20.28 -15.81 -21.42
C VAL A 278 -19.20 -16.89 -21.48
N GLY A 279 -18.31 -16.77 -22.45
CA GLY A 279 -17.24 -17.74 -22.60
C GLY A 279 -17.75 -19.14 -22.86
N LEU A 284 -25.52 -20.68 -18.68
CA LEU A 284 -24.60 -19.64 -18.22
C LEU A 284 -24.81 -18.35 -19.00
N GLN A 285 -26.04 -18.06 -19.36
CA GLN A 285 -26.37 -16.85 -20.10
C GLN A 285 -27.57 -16.13 -19.49
N VAL A 286 -27.82 -14.91 -19.95
CA VAL A 286 -28.93 -14.10 -19.45
C VAL A 286 -28.89 -12.69 -20.03
N GLU A 287 -29.91 -11.89 -19.72
CA GLU A 287 -29.98 -10.51 -20.19
C GLU A 287 -30.12 -9.55 -19.01
N LEU A 288 -29.79 -8.29 -19.24
CA LEU A 288 -29.84 -7.27 -18.20
C LEU A 288 -31.05 -6.35 -18.28
N THR A 289 -30.92 -5.16 -17.69
CA THR A 289 -31.98 -4.16 -17.69
C THR A 289 -31.38 -2.76 -17.88
N GLU A 290 -31.91 -1.80 -17.13
CA GLU A 290 -31.42 -0.43 -17.19
C GLU A 290 -30.60 -0.12 -15.95
N PRO A 291 -29.65 0.83 -16.06
CA PRO A 291 -28.77 1.22 -14.95
C PRO A 291 -29.54 1.38 -13.64
N ILE A 292 -28.81 1.64 -12.56
CA ILE A 292 -29.41 1.84 -11.25
C ILE A 292 -28.78 3.05 -10.58
N VAL A 293 -27.59 3.42 -11.06
CA VAL A 293 -26.84 4.55 -10.54
C VAL A 293 -25.46 4.58 -11.20
N SER A 294 -24.85 5.76 -11.24
CA SER A 294 -23.52 5.90 -11.85
C SER A 294 -22.59 6.77 -11.02
N PHE A 295 -21.36 6.30 -10.85
CA PHE A 295 -20.35 7.03 -10.08
C PHE A 295 -18.97 6.92 -10.73
N GLU A 296 -17.96 7.43 -10.05
CA GLU A 296 -16.59 7.40 -10.57
C GLU A 296 -15.63 6.89 -9.48
N HIS A 297 -14.47 6.39 -9.90
CA HIS A 297 -13.48 5.87 -8.98
C HIS A 297 -12.07 6.16 -9.50
N ALA A 298 -11.29 6.90 -8.72
CA ALA A 298 -9.93 7.24 -9.12
C ALA A 298 -8.88 6.31 -8.53
N PHE A 299 -7.75 6.19 -9.22
CA PHE A 299 -6.65 5.35 -8.78
C PHE A 299 -5.42 6.24 -8.56
N SER A 300 -4.50 6.20 -9.52
CA SER A 300 -3.29 7.01 -9.47
C SER A 300 -2.81 7.25 -10.89
N HIS A 301 -3.08 6.29 -11.76
CA HIS A 301 -2.68 6.34 -13.16
C HIS A 301 -3.88 6.29 -14.11
N LEU A 302 -5.09 6.20 -13.56
CA LEU A 302 -6.29 6.14 -14.39
C LEU A 302 -7.57 6.23 -13.54
N VAL A 303 -8.65 6.69 -14.15
CA VAL A 303 -9.93 6.83 -13.46
C VAL A 303 -11.01 5.91 -14.05
N TRP A 304 -11.91 5.44 -13.19
CA TRP A 304 -12.99 4.56 -13.61
C TRP A 304 -14.33 5.25 -13.65
N GLN A 305 -14.99 5.16 -14.79
CA GLN A 305 -16.32 5.74 -15.00
C GLN A 305 -17.26 4.54 -15.13
N LEU A 306 -17.55 3.90 -14.00
CA LEU A 306 -18.41 2.72 -14.01
C LEU A 306 -19.91 2.99 -13.85
N THR A 307 -20.69 2.19 -14.59
CA THR A 307 -22.14 2.27 -14.57
C THR A 307 -22.67 0.86 -14.34
N VAL A 308 -23.43 0.68 -13.27
CA VAL A 308 -23.97 -0.62 -12.91
C VAL A 308 -25.11 -1.09 -13.81
N PHE A 309 -25.35 -2.40 -13.83
CA PHE A 309 -26.41 -3.04 -14.62
C PHE A 309 -26.90 -4.31 -13.94
N PRO A 310 -28.06 -4.27 -13.26
CA PRO A 310 -28.60 -5.45 -12.58
C PRO A 310 -29.20 -6.50 -13.53
N GLY A 311 -29.79 -7.55 -12.96
CA GLY A 311 -30.39 -8.61 -13.76
C GLY A 311 -30.66 -9.87 -12.99
N ARG A 312 -31.42 -10.79 -13.59
CA ARG A 312 -31.75 -12.06 -12.93
C ARG A 312 -30.87 -13.20 -13.43
N LEU A 313 -30.72 -14.22 -12.59
CA LEU A 313 -29.88 -15.37 -12.94
C LEU A 313 -30.62 -16.70 -12.83
N VAL A 314 -30.69 -17.42 -13.94
CA VAL A 314 -31.34 -18.73 -13.98
C VAL A 314 -30.24 -19.75 -14.30
N HIS A 315 -30.19 -20.83 -13.51
CA HIS A 315 -29.17 -21.85 -13.70
C HIS A 315 -29.38 -22.74 -14.92
N GLY A 316 -28.30 -22.93 -15.68
CA GLY A 316 -28.34 -23.76 -16.87
C GLY A 316 -27.07 -24.57 -17.06
N GLY A 317 -26.15 -24.45 -16.10
CA GLY A 317 -24.90 -25.17 -16.19
C GLY A 317 -24.04 -25.00 -14.96
N PRO A 318 -22.85 -25.65 -14.92
CA PRO A 318 -21.95 -25.55 -13.78
C PRO A 318 -21.17 -24.23 -13.79
N VAL A 319 -20.94 -23.68 -12.61
CA VAL A 319 -20.20 -22.42 -12.50
C VAL A 319 -18.70 -22.72 -12.46
N GLU A 320 -18.02 -22.46 -13.57
CA GLU A 320 -16.59 -22.72 -13.66
C GLU A 320 -15.80 -21.46 -14.01
N GLU A 321 -14.61 -21.66 -14.59
CA GLU A 321 -13.76 -20.54 -14.98
C GLU A 321 -13.52 -19.66 -13.75
N PRO A 322 -13.05 -18.41 -13.93
CA PRO A 322 -12.81 -17.55 -12.77
C PRO A 322 -14.07 -17.33 -11.92
N TYR A 323 -15.23 -17.41 -12.57
CA TYR A 323 -16.51 -17.20 -11.91
C TYR A 323 -16.73 -18.11 -10.69
N ARG A 324 -17.61 -17.66 -9.78
CA ARG A 324 -17.91 -18.42 -8.57
C ARG A 324 -19.22 -17.92 -7.95
N LEU A 325 -20.16 -18.83 -7.77
CA LEU A 325 -21.46 -18.48 -7.19
C LEU A 325 -21.32 -18.34 -5.68
N ALA A 326 -21.94 -17.31 -5.11
CA ALA A 326 -21.85 -17.10 -3.67
C ALA A 326 -23.06 -16.42 -3.06
N PRO A 327 -23.55 -16.97 -1.93
CA PRO A 327 -24.71 -16.42 -1.21
C PRO A 327 -24.42 -15.01 -0.70
N GLU A 328 -25.43 -14.17 -0.77
CA GLU A 328 -25.33 -12.78 -0.33
C GLU A 328 -24.67 -12.60 1.04
N ASP A 329 -24.99 -13.48 1.98
CA ASP A 329 -24.43 -13.39 3.33
C ASP A 329 -22.98 -13.84 3.41
N GLU A 330 -22.43 -14.32 2.30
CA GLU A 330 -21.04 -14.79 2.26
C GLU A 330 -20.10 -13.81 1.57
N LEU A 331 -20.66 -12.80 0.91
CA LEU A 331 -19.86 -11.80 0.21
C LEU A 331 -18.82 -11.14 1.10
N LYS A 332 -19.21 -10.83 2.33
CA LYS A 332 -18.31 -10.19 3.27
C LYS A 332 -17.12 -11.09 3.61
N ALA A 333 -17.03 -12.21 2.90
CA ALA A 333 -15.94 -13.16 3.12
C ALA A 333 -14.86 -13.03 2.04
N TYR A 334 -15.20 -12.36 0.95
CA TYR A 334 -14.25 -12.16 -0.14
C TYR A 334 -13.65 -10.76 -0.07
N ALA A 335 -12.55 -10.57 -0.79
CA ALA A 335 -11.88 -9.27 -0.83
C ALA A 335 -12.32 -8.57 -2.11
N PHE A 336 -12.92 -7.39 -1.96
CA PHE A 336 -13.40 -6.60 -3.09
C PHE A 336 -12.75 -5.22 -3.11
N PRO A 337 -12.42 -4.70 -4.31
CA PRO A 337 -11.81 -3.37 -4.39
C PRO A 337 -12.83 -2.38 -3.82
N VAL A 338 -12.41 -1.16 -3.54
CA VAL A 338 -13.34 -0.17 -3.00
C VAL A 338 -14.43 0.18 -4.01
N SER A 339 -14.07 0.21 -5.29
CA SER A 339 -15.06 0.51 -6.32
C SER A 339 -16.22 -0.47 -6.23
N HIS A 340 -15.95 -1.75 -6.43
CA HIS A 340 -17.00 -2.74 -6.39
C HIS A 340 -17.69 -2.86 -5.03
N GLN A 341 -17.04 -2.40 -3.98
CA GLN A 341 -17.64 -2.44 -2.65
C GLN A 341 -18.83 -1.49 -2.64
N ARG A 342 -18.66 -0.39 -3.36
CA ARG A 342 -19.68 0.65 -3.46
C ARG A 342 -20.82 0.13 -4.34
N VAL A 343 -20.46 -0.53 -5.44
CA VAL A 343 -21.45 -1.10 -6.34
C VAL A 343 -22.48 -1.87 -5.53
N TRP A 344 -22.00 -2.75 -4.66
CA TRP A 344 -22.90 -3.54 -3.84
C TRP A 344 -23.68 -2.69 -2.85
N ARG A 345 -23.05 -1.61 -2.38
CA ARG A 345 -23.71 -0.72 -1.42
C ARG A 345 -24.92 -0.08 -2.08
N GLU A 346 -24.71 0.40 -3.31
CA GLU A 346 -25.76 1.06 -4.07
C GLU A 346 -26.88 0.11 -4.47
N TYR A 347 -26.54 -1.18 -4.54
CA TYR A 347 -27.50 -2.21 -4.91
C TYR A 347 -28.49 -2.48 -3.77
N LYS A 348 -27.97 -2.70 -2.58
CA LYS A 348 -28.82 -2.96 -1.41
C LYS A 348 -29.48 -1.68 -0.93
N GLU A 349 -28.98 -0.55 -1.43
CA GLU A 349 -29.52 0.76 -1.07
C GLU A 349 -30.69 0.99 -2.01
N TRP A 350 -30.66 0.29 -3.14
CA TRP A 350 -31.69 0.36 -4.16
C TRP A 350 -32.86 -0.55 -3.77
N ALA A 351 -32.56 -1.83 -3.56
CA ALA A 351 -33.55 -2.81 -3.17
C ALA A 351 -33.91 -2.58 -1.71
N SER A 352 -33.91 -1.31 -1.31
CA SER A 352 -34.22 -0.91 0.06
C SER A 352 -35.40 0.04 0.10
P 8OG B 6 -3.49 -1.95 -7.74
OP1 8OG B 6 -3.43 -2.86 -6.56
OP2 8OG B 6 -4.54 -2.19 -8.79
O5' 8OG B 6 -3.65 -0.44 -7.25
C5' 8OG B 6 -4.92 0.22 -7.22
C4' 8OG B 6 -5.53 0.14 -5.84
O4' 8OG B 6 -4.71 0.83 -4.87
C3' 8OG B 6 -6.92 0.76 -5.69
O3' 8OG B 6 -7.55 0.09 -4.62
C2' 8OG B 6 -6.60 2.20 -5.30
C1' 8OG B 6 -5.33 2.05 -4.45
N9 8OG B 6 -4.31 3.09 -4.53
C8 8OG B 6 -3.98 3.92 -5.59
N7 8OG B 6 -2.99 4.76 -5.32
C5 8OG B 6 -2.66 4.45 -4.01
C6 8OG B 6 -1.66 5.00 -3.16
O6 8OG B 6 -0.86 5.90 -3.42
N1 8OG B 6 -1.66 4.40 -1.89
C2 8OG B 6 -2.51 3.39 -1.47
N2 8OG B 6 -2.35 2.94 -0.21
N3 8OG B 6 -3.44 2.86 -2.26
C4 8OG B 6 -3.47 3.43 -3.51
O8 8OG B 6 -4.54 3.90 -6.68
P A5L C 6 3.33 8.69 6.09
N1 A5L C 6 7.09 5.76 10.98
C2 A5L C 6 6.71 6.63 10.04
N3 A5L C 6 6.77 6.51 8.71
C4 A5L C 6 7.32 5.33 8.36
C5 A5L C 6 7.77 4.35 9.21
C6 A5L C 6 7.63 4.59 10.60
N6 A5L C 6 8.02 3.72 11.54
N7 A5L C 6 8.27 3.26 8.50
C8 A5L C 6 8.11 3.62 7.25
N9 A5L C 6 7.55 4.87 7.08
C1' A5L C 6 7.27 5.53 5.81
C2' A5L C 6 6.89 4.64 4.64
C3' A5L C 6 6.09 5.59 3.76
O3' A5L C 6 6.98 6.32 2.88
C4' A5L C 6 5.43 6.55 4.75
O4' A5L C 6 6.15 6.38 6.01
C5' A5L C 6 3.96 6.36 5.00
O5' A5L C 6 3.55 7.11 6.15
OP1 A5L C 6 2.27 9.05 7.08
OP2 A5L C 6 4.66 9.37 6.15
FE1 SF4 D . 15.16 22.72 7.48
FE2 SF4 D . 13.05 21.14 7.48
FE3 SF4 D . 13.99 21.91 9.77
FE4 SF4 D . 12.81 23.70 8.24
S1 SF4 D . 11.90 22.00 9.24
S2 SF4 D . 14.66 23.83 9.32
S3 SF4 D . 13.35 22.95 6.22
S4 SF4 D . 14.95 20.55 8.20
CA CA E . 15.04 -5.93 -4.34
#